data_3IIU
#
_entry.id   3IIU
#
_cell.length_a   68.510
_cell.length_b   81.730
_cell.length_c   75.330
_cell.angle_alpha   90.00
_cell.angle_beta   90.00
_cell.angle_gamma   90.00
#
_symmetry.space_group_name_H-M   'C 2 2 21'
#
loop_
_entity.id
_entity.type
_entity.pdbx_description
1 polymer 'Peridinin-chlorophyll a-binding protein 1, chloroplastic'
2 non-polymer 'CHLOROPHYLL A'
3 non-polymer PERIDININ
4 non-polymer '(2S)-3-[(6-O-alpha-D-galactopyranosyl-beta-D-galactopyranosyl)oxy]-2-[(3Z,6Z,9Z,12Z,15Z)-octadeca-3,6,9,12,15-pentaenoyloxy]propyl (5Z,8Z,11Z,14Z,17Z)-icosa-5,8,11,14,17-pentaenoate'
5 non-polymer 'CADMIUM ION'
6 non-polymer 'CHLORIDE ION'
7 water water
#
_entity_poly.entity_id   1
_entity_poly.type   'polypeptide(L)'
_entity_poly.pdbx_seq_one_letter_code
;ADEIGDAAKKLGDASYAFAKEVDWNNGIFLQAPGKLQPLEALKAIDKMIVMGAAADPKLLKAAAEAHHKAIGSVSGPNGV
TSRADWDSVLAALGRVIASVPENMVMDVYDSVSKITDPKVPAYMKSLVNGADAEKAYEGFLAFKDVVKKSQ
;
_entity_poly.pdbx_strand_id   M
#
loop_
_chem_comp.id
_chem_comp.type
_chem_comp.name
_chem_comp.formula
CD non-polymer 'CADMIUM ION' 'Cd 2'
CL non-polymer 'CHLORIDE ION' 'Cl -1'
CLA non-polymer 'CHLOROPHYLL A' 'C55 H72 Mg N4 O5'
J7Z non-polymer '(2S)-3-[(6-O-alpha-D-galactopyranosyl-beta-D-galactopyranosyl)oxy]-2-[(3Z,6Z,9Z,12Z,15Z)-octadeca-3,6,9,12,15-pentaenoyloxy]propyl (5Z,8Z,11Z,14Z,17Z)-icosa-5,8,11,14,17-pentaenoate' 'C53 H80 O15'
PID non-polymer PERIDININ 'C39 H50 O7'
#
# COMPACT_ATOMS: atom_id res chain seq x y z
N ALA A 1 -10.45 15.00 -11.71
CA ALA A 1 -8.97 14.91 -11.56
C ALA A 1 -8.56 15.67 -10.33
N ASP A 2 -7.48 15.20 -9.68
CA ASP A 2 -6.96 15.92 -8.52
C ASP A 2 -5.46 15.74 -8.37
N GLU A 3 -4.91 16.34 -7.32
CA GLU A 3 -3.45 16.27 -7.18
C GLU A 3 -2.94 14.90 -6.77
N ILE A 4 -3.74 14.18 -5.96
CA ILE A 4 -3.35 12.79 -5.64
C ILE A 4 -3.32 11.93 -6.91
N GLY A 5 -4.24 12.16 -7.85
CA GLY A 5 -4.18 11.44 -9.12
C GLY A 5 -2.94 11.76 -9.93
N ASP A 6 -2.59 13.03 -10.01
CA ASP A 6 -1.32 13.38 -10.67
C ASP A 6 -0.13 12.72 -9.97
N ALA A 7 -0.14 12.75 -8.63
CA ALA A 7 0.97 12.18 -7.85
C ALA A 7 1.05 10.66 -8.02
N ALA A 8 -0.12 10.04 -8.19
CA ALA A 8 -0.17 8.60 -8.43
C ALA A 8 0.52 8.20 -9.75
N LYS A 9 0.41 9.06 -10.77
N LYS A 9 0.43 9.02 -10.82
CA LYS A 9 1.05 8.79 -12.03
CA LYS A 9 1.14 8.66 -12.05
C LYS A 9 2.58 8.77 -11.84
C LYS A 9 2.66 8.73 -11.83
N LYS A 10 3.11 9.75 -11.09
CA LYS A 10 4.52 9.82 -10.76
C LYS A 10 4.94 8.61 -9.89
N LEU A 11 4.08 8.22 -8.94
CA LEU A 11 4.42 7.10 -8.08
C LEU A 11 4.47 5.83 -8.91
N GLY A 12 3.52 5.69 -9.84
CA GLY A 12 3.57 4.53 -10.76
C GLY A 12 4.86 4.51 -11.60
N ASP A 13 5.30 5.69 -12.08
CA ASP A 13 6.57 5.74 -12.84
C ASP A 13 7.72 5.19 -11.95
N ALA A 14 7.67 5.52 -10.66
CA ALA A 14 8.75 5.14 -9.72
C ALA A 14 8.64 3.69 -9.27
N SER A 15 7.43 3.11 -9.30
CA SER A 15 7.20 1.83 -8.57
C SER A 15 6.74 0.65 -9.39
N TYR A 16 6.33 0.87 -10.64
CA TYR A 16 5.79 -0.23 -11.41
C TYR A 16 6.79 -1.31 -11.76
N ALA A 17 8.05 -0.91 -11.97
CA ALA A 17 9.08 -1.92 -12.22
C ALA A 17 9.21 -2.88 -11.04
N PHE A 18 9.16 -2.32 -9.82
CA PHE A 18 9.16 -3.10 -8.60
C PHE A 18 7.89 -3.98 -8.53
N ALA A 19 6.71 -3.40 -8.83
CA ALA A 19 5.48 -4.19 -8.72
C ALA A 19 5.55 -5.42 -9.64
N LYS A 20 6.16 -5.29 -10.81
CA LYS A 20 6.27 -6.39 -11.78
C LYS A 20 7.17 -7.49 -11.26
N GLU A 21 8.11 -7.14 -10.40
CA GLU A 21 9.07 -8.10 -9.86
C GLU A 21 8.54 -8.89 -8.66
N VAL A 22 7.52 -8.36 -7.97
CA VAL A 22 6.97 -9.09 -6.82
C VAL A 22 6.20 -10.29 -7.35
N ASP A 23 6.38 -11.47 -6.74
CA ASP A 23 5.56 -12.61 -7.10
C ASP A 23 4.28 -12.60 -6.24
N TRP A 24 3.24 -11.98 -6.78
CA TRP A 24 1.99 -11.78 -6.02
C TRP A 24 1.26 -13.08 -5.71
N ASN A 25 1.65 -14.17 -6.38
CA ASN A 25 1.08 -15.50 -6.14
C ASN A 25 1.86 -16.33 -5.11
N ASN A 26 2.91 -15.77 -4.54
CA ASN A 26 3.63 -16.41 -3.44
C ASN A 26 2.67 -16.59 -2.25
N GLY A 27 2.64 -17.77 -1.65
CA GLY A 27 1.73 -17.98 -0.52
C GLY A 27 2.21 -17.34 0.78
N ILE A 28 3.44 -16.82 0.78
CA ILE A 28 4.04 -16.25 2.02
C ILE A 28 3.21 -15.09 2.60
N PHE A 29 2.45 -14.40 1.75
CA PHE A 29 1.74 -13.18 2.18
C PHE A 29 0.55 -13.52 3.09
N LEU A 30 0.17 -14.81 3.17
CA LEU A 30 -0.87 -15.22 4.10
C LEU A 30 -0.29 -15.41 5.51
N GLN A 31 1.02 -15.62 5.63
CA GLN A 31 1.66 -15.81 6.93
C GLN A 31 1.78 -14.50 7.68
N ALA A 32 1.80 -14.61 9.02
CA ALA A 32 2.19 -13.48 9.85
C ALA A 32 3.57 -12.99 9.44
N PRO A 33 3.81 -11.67 9.52
CA PRO A 33 5.14 -11.12 9.12
C PRO A 33 6.17 -11.33 10.25
N GLY A 34 6.42 -12.58 10.57
CA GLY A 34 7.19 -12.89 11.79
C GLY A 34 6.45 -13.90 12.61
N LYS A 35 6.58 -13.82 13.93
CA LYS A 35 5.87 -14.72 14.80
C LYS A 35 4.42 -14.27 14.91
N LEU A 36 3.54 -15.25 14.89
N LEU A 36 3.50 -15.20 14.74
CA LEU A 36 2.12 -15.07 15.14
CA LEU A 36 2.06 -14.91 14.84
C LEU A 36 1.90 -14.55 16.54
C LEU A 36 1.72 -14.63 16.33
N GLN A 37 1.25 -13.40 16.61
CA GLN A 37 1.02 -12.82 17.93
C GLN A 37 -0.42 -12.32 18.01
N PRO A 38 -1.38 -13.21 18.28
CA PRO A 38 -2.82 -12.80 18.10
C PRO A 38 -3.27 -11.56 18.88
N LEU A 39 -2.81 -11.42 20.12
CA LEU A 39 -3.24 -10.27 20.91
C LEU A 39 -2.73 -8.94 20.37
N GLU A 40 -1.45 -8.91 19.97
N GLU A 40 -1.45 -8.97 19.95
CA GLU A 40 -0.91 -7.68 19.38
CA GLU A 40 -0.79 -7.80 19.39
C GLU A 40 -1.48 -7.47 17.99
C GLU A 40 -1.34 -7.50 17.99
N ALA A 41 -1.65 -8.55 17.23
CA ALA A 41 -2.23 -8.38 15.92
C ALA A 41 -3.66 -7.83 16.01
N LEU A 42 -4.44 -8.25 17.03
CA LEU A 42 -5.79 -7.73 17.17
C LEU A 42 -5.76 -6.22 17.43
N LYS A 43 -4.76 -5.76 18.17
CA LYS A 43 -4.65 -4.30 18.40
C LYS A 43 -4.41 -3.57 17.08
N ALA A 44 -3.60 -4.16 16.20
CA ALA A 44 -3.34 -3.55 14.88
C ALA A 44 -4.60 -3.55 14.03
N ILE A 45 -5.30 -4.69 14.01
CA ILE A 45 -6.57 -4.77 13.24
C ILE A 45 -7.58 -3.76 13.84
N ASP A 46 -7.63 -3.62 15.16
CA ASP A 46 -8.52 -2.61 15.76
C ASP A 46 -8.21 -1.20 15.23
N LYS A 47 -6.92 -0.85 15.15
CA LYS A 47 -6.55 0.48 14.60
C LYS A 47 -7.01 0.63 13.15
N MET A 48 -6.87 -0.45 12.40
CA MET A 48 -7.39 -0.45 11.01
C MET A 48 -8.89 -0.28 10.97
N ILE A 49 -9.61 -0.96 11.85
CA ILE A 49 -11.09 -0.85 11.87
C ILE A 49 -11.53 0.59 12.25
N VAL A 50 -10.84 1.21 13.21
CA VAL A 50 -11.13 2.58 13.59
C VAL A 50 -10.92 3.49 12.36
N MET A 51 -9.80 3.29 11.67
CA MET A 51 -9.51 4.10 10.50
C MET A 51 -10.55 3.88 9.39
N GLY A 52 -10.91 2.62 9.10
CA GLY A 52 -11.94 2.33 8.09
C GLY A 52 -13.27 2.99 8.40
N ALA A 53 -13.65 2.99 9.67
CA ALA A 53 -14.92 3.58 10.10
C ALA A 53 -14.88 5.10 9.97
N ALA A 54 -13.68 5.68 10.04
CA ALA A 54 -13.54 7.14 9.94
C ALA A 54 -13.36 7.61 8.48
N ALA A 55 -12.92 6.73 7.62
CA ALA A 55 -12.63 7.06 6.21
C ALA A 55 -13.89 7.50 5.46
N ASP A 56 -13.69 8.31 4.42
CA ASP A 56 -14.81 8.78 3.60
C ASP A 56 -15.43 7.55 2.92
N PRO A 57 -16.75 7.33 3.11
CA PRO A 57 -17.34 6.10 2.58
C PRO A 57 -17.32 6.02 1.05
N LYS A 58 -17.47 7.16 0.37
N LYS A 58 -17.45 7.14 0.38
CA LYS A 58 -17.38 7.21 -1.09
CA LYS A 58 -17.41 7.18 -1.09
C LYS A 58 -15.99 6.84 -1.58
C LYS A 58 -15.99 6.90 -1.62
N LEU A 59 -14.98 7.32 -0.87
CA LEU A 59 -13.59 7.04 -1.26
C LEU A 59 -13.22 5.60 -0.96
N LEU A 60 -13.76 5.01 0.11
CA LEU A 60 -13.58 3.58 0.32
C LEU A 60 -14.19 2.78 -0.80
N LYS A 61 -15.44 3.14 -1.17
CA LYS A 61 -16.13 2.48 -2.27
C LYS A 61 -15.33 2.54 -3.58
N ALA A 62 -14.82 3.73 -3.90
CA ALA A 62 -14.03 3.93 -5.11
C ALA A 62 -12.74 3.10 -5.05
N ALA A 63 -12.13 3.03 -3.88
CA ALA A 63 -10.93 2.20 -3.74
C ALA A 63 -11.21 0.71 -3.92
N ALA A 64 -12.33 0.20 -3.38
CA ALA A 64 -12.73 -1.18 -3.65
C ALA A 64 -12.96 -1.39 -5.15
N GLU A 65 -13.68 -0.48 -5.80
N GLU A 65 -13.70 -0.48 -5.80
CA GLU A 65 -13.91 -0.61 -7.24
CA GLU A 65 -13.90 -0.60 -7.26
C GLU A 65 -12.64 -0.60 -8.09
C GLU A 65 -12.59 -0.68 -8.03
N ALA A 66 -11.63 0.19 -7.67
CA ALA A 66 -10.35 0.19 -8.36
C ALA A 66 -9.61 -1.16 -8.23
N HIS A 67 -9.73 -1.81 -7.08
CA HIS A 67 -9.15 -3.13 -6.91
C HIS A 67 -9.88 -4.20 -7.70
N HIS A 68 -11.22 -4.12 -7.78
CA HIS A 68 -11.92 -5.06 -8.66
C HIS A 68 -11.42 -4.96 -10.13
N LYS A 69 -11.29 -3.72 -10.60
CA LYS A 69 -10.83 -3.49 -11.98
C LYS A 69 -9.38 -4.00 -12.14
N ALA A 70 -8.54 -3.73 -11.14
CA ALA A 70 -7.15 -4.20 -11.16
C ALA A 70 -7.05 -5.72 -11.24
N ILE A 71 -7.91 -6.42 -10.51
CA ILE A 71 -7.91 -7.92 -10.59
C ILE A 71 -8.16 -8.38 -12.02
N GLY A 72 -9.01 -7.64 -12.74
CA GLY A 72 -9.37 -8.00 -14.10
C GLY A 72 -8.23 -7.90 -15.09
N SER A 73 -7.21 -7.08 -14.80
CA SER A 73 -6.12 -6.87 -15.76
C SER A 73 -4.83 -7.58 -15.37
N VAL A 74 -4.87 -8.44 -14.37
CA VAL A 74 -3.72 -9.23 -13.97
C VAL A 74 -3.19 -10.06 -15.14
N SER A 75 -1.88 -10.06 -15.33
CA SER A 75 -1.29 -10.84 -16.43
C SER A 75 0.14 -11.19 -16.11
N GLY A 76 0.67 -12.14 -16.88
CA GLY A 76 2.06 -12.46 -16.75
C GLY A 76 2.31 -13.43 -15.63
N PRO A 77 3.60 -13.83 -15.47
CA PRO A 77 3.88 -14.92 -14.56
C PRO A 77 3.81 -14.56 -13.07
N ASN A 78 3.72 -13.28 -12.71
CA ASN A 78 3.75 -12.86 -11.28
C ASN A 78 2.44 -12.31 -10.77
N GLY A 79 1.40 -12.32 -11.62
CA GLY A 79 0.10 -11.81 -11.15
C GLY A 79 -0.03 -10.31 -11.02
N VAL A 80 0.78 -9.56 -11.77
N VAL A 80 0.74 -9.58 -11.82
CA VAL A 80 0.75 -8.10 -11.71
CA VAL A 80 0.75 -8.14 -11.79
C VAL A 80 -0.33 -7.47 -12.61
C VAL A 80 -0.40 -7.54 -12.62
N THR A 81 -1.12 -6.58 -12.00
CA THR A 81 -2.12 -5.77 -12.69
C THR A 81 -1.46 -4.83 -13.69
N SER A 82 -2.27 -4.24 -14.56
CA SER A 82 -1.74 -3.32 -15.57
C SER A 82 -1.17 -2.10 -14.93
N ARG A 83 -0.29 -1.40 -15.66
CA ARG A 83 0.23 -0.13 -15.20
C ARG A 83 -0.90 0.87 -14.88
N ALA A 84 -1.89 0.97 -15.76
CA ALA A 84 -2.95 1.94 -15.50
C ALA A 84 -3.73 1.59 -14.23
N ASP A 85 -3.99 0.30 -14.00
CA ASP A 85 -4.73 -0.11 -12.79
C ASP A 85 -3.90 0.01 -11.52
N TRP A 86 -2.57 -0.19 -11.64
CA TRP A 86 -1.66 0.10 -10.55
C TRP A 86 -1.80 1.59 -10.14
N ASP A 87 -1.70 2.51 -11.09
CA ASP A 87 -1.81 3.90 -10.75
C ASP A 87 -3.18 4.23 -10.14
N SER A 88 -4.24 3.65 -10.73
N SER A 88 -4.26 3.66 -10.69
CA SER A 88 -5.59 3.83 -10.25
CA SER A 88 -5.60 3.98 -10.16
C SER A 88 -5.71 3.47 -8.78
C SER A 88 -5.79 3.44 -8.75
N VAL A 89 -5.21 2.29 -8.44
CA VAL A 89 -5.24 1.79 -7.05
C VAL A 89 -4.47 2.72 -6.12
N LEU A 90 -3.27 3.13 -6.56
CA LEU A 90 -2.46 4.05 -5.79
C LEU A 90 -3.18 5.34 -5.45
N ALA A 91 -3.80 5.93 -6.48
CA ALA A 91 -4.50 7.17 -6.26
C ALA A 91 -5.72 6.97 -5.33
N ALA A 92 -6.47 5.89 -5.55
CA ALA A 92 -7.69 5.69 -4.75
C ALA A 92 -7.32 5.46 -3.29
N LEU A 93 -6.23 4.73 -3.06
CA LEU A 93 -5.79 4.52 -1.66
C LEU A 93 -5.21 5.78 -1.05
N GLY A 94 -4.49 6.59 -1.85
CA GLY A 94 -4.06 7.89 -1.31
C GLY A 94 -5.24 8.77 -0.90
N ARG A 95 -6.32 8.77 -1.68
CA ARG A 95 -7.49 9.53 -1.28
C ARG A 95 -8.08 9.04 0.05
N VAL A 96 -8.10 7.71 0.21
CA VAL A 96 -8.60 7.17 1.47
C VAL A 96 -7.71 7.61 2.63
N ILE A 97 -6.38 7.49 2.47
CA ILE A 97 -5.45 7.96 3.51
C ILE A 97 -5.67 9.43 3.88
N ALA A 98 -5.90 10.26 2.88
CA ALA A 98 -6.06 11.68 3.11
C ALA A 98 -7.35 12.03 3.80
N SER A 99 -8.28 11.07 3.84
CA SER A 99 -9.63 11.32 4.35
C SER A 99 -9.74 11.11 5.85
N VAL A 100 -8.66 10.67 6.50
CA VAL A 100 -8.70 10.45 7.93
C VAL A 100 -7.56 11.24 8.58
N PRO A 101 -7.64 11.47 9.90
CA PRO A 101 -6.52 12.18 10.55
C PRO A 101 -5.20 11.43 10.48
N GLU A 102 -4.09 12.17 10.38
CA GLU A 102 -2.76 11.60 10.34
C GLU A 102 -2.57 10.62 11.51
N ASN A 103 -3.11 10.91 12.69
CA ASN A 103 -2.90 10.01 13.84
C ASN A 103 -3.47 8.62 13.60
N MET A 104 -4.59 8.54 12.89
CA MET A 104 -5.18 7.21 12.66
C MET A 104 -4.25 6.40 11.75
N VAL A 105 -3.62 7.07 10.78
CA VAL A 105 -2.74 6.40 9.84
C VAL A 105 -1.48 5.95 10.57
N MET A 106 -0.93 6.83 11.39
CA MET A 106 0.25 6.48 12.18
C MET A 106 0.00 5.37 13.18
N ASP A 107 -1.21 5.34 13.74
CA ASP A 107 -1.54 4.28 14.70
C ASP A 107 -1.55 2.93 14.00
N VAL A 108 -2.06 2.85 12.76
CA VAL A 108 -1.97 1.58 12.03
C VAL A 108 -0.52 1.18 11.79
N TYR A 109 0.27 2.14 11.28
CA TYR A 109 1.66 1.88 10.98
C TYR A 109 2.45 1.38 12.21
N ASP A 110 2.31 2.08 13.33
CA ASP A 110 3.02 1.70 14.55
C ASP A 110 2.56 0.34 15.05
N SER A 111 1.25 0.07 14.95
N SER A 111 1.25 0.07 14.95
CA SER A 111 0.72 -1.18 15.47
CA SER A 111 0.73 -1.19 15.47
C SER A 111 1.11 -2.38 14.63
C SER A 111 1.17 -2.38 14.62
N VAL A 112 1.23 -2.18 13.30
CA VAL A 112 1.74 -3.25 12.42
C VAL A 112 3.24 -3.41 12.58
N SER A 113 3.97 -2.29 12.77
CA SER A 113 5.41 -2.42 12.98
C SER A 113 5.69 -3.34 14.19
N LYS A 114 4.86 -3.24 15.24
N LYS A 114 4.87 -3.23 15.25
CA LYS A 114 5.08 -3.96 16.47
CA LYS A 114 5.07 -3.99 16.49
C LYS A 114 4.99 -5.48 16.29
C LYS A 114 5.12 -5.48 16.19
N ILE A 115 4.30 -5.95 15.24
CA ILE A 115 4.19 -7.37 14.98
C ILE A 115 5.05 -7.83 13.81
N THR A 116 5.79 -6.91 13.18
CA THR A 116 6.59 -7.23 11.99
C THR A 116 8.06 -7.50 12.42
N ASP A 117 8.54 -8.70 12.14
CA ASP A 117 9.90 -9.03 12.52
C ASP A 117 10.87 -8.15 11.71
N PRO A 118 11.96 -7.68 12.34
CA PRO A 118 12.91 -6.80 11.61
C PRO A 118 13.51 -7.39 10.34
N LYS A 119 13.50 -8.73 10.18
CA LYS A 119 14.04 -9.36 8.98
C LYS A 119 13.12 -9.26 7.74
N VAL A 120 11.83 -8.98 7.97
CA VAL A 120 10.85 -9.11 6.89
C VAL A 120 11.10 -8.14 5.73
N PRO A 121 11.35 -6.82 6.01
CA PRO A 121 11.55 -5.95 4.86
C PRO A 121 12.73 -6.42 4.01
N ALA A 122 13.85 -6.77 4.64
CA ALA A 122 15.01 -7.16 3.85
C ALA A 122 14.77 -8.46 3.09
N TYR A 123 14.00 -9.37 3.68
CA TYR A 123 13.70 -10.60 2.97
C TYR A 123 12.85 -10.31 1.73
N MET A 124 11.83 -9.48 1.87
CA MET A 124 11.02 -9.08 0.72
C MET A 124 11.86 -8.42 -0.36
N LYS A 125 12.74 -7.50 0.04
CA LYS A 125 13.56 -6.78 -0.95
C LYS A 125 14.49 -7.75 -1.67
N SER A 126 14.93 -8.79 -0.97
CA SER A 126 15.88 -9.70 -1.57
C SER A 126 15.29 -10.48 -2.75
N LEU A 127 13.96 -10.51 -2.85
CA LEU A 127 13.29 -11.26 -3.93
C LEU A 127 13.08 -10.43 -5.18
N VAL A 128 13.39 -9.12 -5.11
CA VAL A 128 13.16 -8.21 -6.22
C VAL A 128 14.48 -7.48 -6.53
N ASN A 129 14.42 -6.58 -7.52
CA ASN A 129 15.60 -5.75 -7.83
C ASN A 129 15.71 -4.69 -6.77
N GLY A 130 16.80 -4.70 -6.02
CA GLY A 130 16.92 -3.77 -4.90
C GLY A 130 16.82 -2.31 -5.31
N ALA A 131 17.42 -1.95 -6.46
CA ALA A 131 17.40 -0.55 -6.89
C ALA A 131 15.95 -0.16 -7.28
N ASP A 132 15.19 -1.13 -7.84
CA ASP A 132 13.80 -0.85 -8.17
C ASP A 132 12.94 -0.70 -6.91
N ALA A 133 13.25 -1.47 -5.87
CA ALA A 133 12.54 -1.27 -4.59
C ALA A 133 12.87 0.10 -3.99
N GLU A 134 14.14 0.52 -4.05
N GLU A 134 14.15 0.45 -4.04
CA GLU A 134 14.49 1.82 -3.47
CA GLU A 134 14.58 1.77 -3.62
C GLU A 134 13.83 2.99 -4.22
C GLU A 134 13.87 2.85 -4.42
N LYS A 135 13.80 2.90 -5.57
N LYS A 135 13.80 2.68 -5.73
CA LYS A 135 13.08 3.91 -6.37
CA LYS A 135 13.13 3.68 -6.57
C LYS A 135 11.62 3.92 -5.99
C LYS A 135 11.65 3.84 -6.20
N ALA A 136 11.01 2.73 -5.84
CA ALA A 136 9.61 2.69 -5.45
C ALA A 136 9.40 3.42 -4.13
N TYR A 137 10.30 3.17 -3.19
CA TYR A 137 10.17 3.79 -1.88
C TYR A 137 10.39 5.30 -1.97
N GLU A 138 11.40 5.72 -2.73
N GLU A 138 11.42 5.73 -2.71
CA GLU A 138 11.62 7.15 -2.95
CA GLU A 138 11.60 7.18 -2.91
C GLU A 138 10.38 7.78 -3.57
C GLU A 138 10.35 7.78 -3.54
N GLY A 139 9.76 7.07 -4.50
CA GLY A 139 8.47 7.49 -5.05
C GLY A 139 7.39 7.67 -4.00
N PHE A 140 7.30 6.67 -3.12
CA PHE A 140 6.31 6.68 -2.06
C PHE A 140 6.50 7.92 -1.17
N LEU A 141 7.75 8.26 -0.84
CA LEU A 141 8.02 9.44 -0.02
C LEU A 141 7.51 10.74 -0.69
N ALA A 142 7.70 10.84 -2.02
CA ALA A 142 7.15 12.01 -2.72
C ALA A 142 5.61 12.01 -2.73
N PHE A 143 5.04 10.82 -2.92
CA PHE A 143 3.59 10.68 -3.01
C PHE A 143 2.93 11.05 -1.68
N LYS A 144 3.48 10.56 -0.57
N LYS A 144 3.47 10.56 -0.56
N LYS A 144 3.46 10.55 -0.57
CA LYS A 144 2.87 10.82 0.73
CA LYS A 144 2.86 10.82 0.74
CA LYS A 144 2.81 10.82 0.71
C LYS A 144 2.87 12.30 1.09
C LYS A 144 2.87 12.32 1.12
C LYS A 144 2.79 12.32 1.03
N ASP A 145 3.79 13.06 0.51
CA ASP A 145 3.80 14.53 0.71
C ASP A 145 2.59 15.16 0.04
N VAL A 146 2.20 14.64 -1.14
CA VAL A 146 0.99 15.14 -1.81
C VAL A 146 -0.26 14.73 -1.00
N VAL A 147 -0.30 13.48 -0.54
CA VAL A 147 -1.42 12.99 0.24
C VAL A 147 -1.61 13.84 1.51
N LYS A 148 -0.51 14.15 2.19
CA LYS A 148 -0.59 14.92 3.43
C LYS A 148 -1.15 16.33 3.18
N LYS A 149 -0.84 16.91 2.03
CA LYS A 149 -1.33 18.26 1.69
C LYS A 149 -2.82 18.28 1.39
N SER A 150 -3.39 17.12 1.08
CA SER A 150 -4.84 16.93 0.94
C SER A 150 -5.54 16.52 2.26
N GLN A 151 -4.74 16.21 3.30
CA GLN A 151 -5.26 15.63 4.56
C GLN A 151 -5.49 16.67 5.66
MG CLA B . -4.33 -3.58 -0.30
CHA CLA B . -1.89 -2.07 1.60
CHB CLA B . -2.18 -6.18 -0.98
CHC CLA B . -6.89 -5.23 -1.84
CHD CLA B . -6.64 -1.27 1.01
NA CLA B . -2.37 -4.10 0.27
C1A CLA B . -1.50 -3.34 1.01
C2A CLA B . -0.14 -4.02 1.26
C3A CLA B . -0.21 -5.18 0.27
C4A CLA B . -1.67 -5.18 -0.16
CMA CLA B . 0.71 -4.96 -0.91
CAA CLA B . 0.07 -4.49 2.74
CBA CLA B . 1.46 -5.10 3.00
CGA CLA B . 2.48 -4.06 2.70
O1A CLA B . 2.56 -2.96 3.25
O2A CLA B . 3.34 -4.40 1.66
NB CLA B . -4.52 -5.38 -1.21
C1B CLA B . -3.56 -6.30 -1.47
C2B CLA B . -4.01 -7.40 -2.25
C3B CLA B . -5.33 -7.07 -2.48
C4B CLA B . -5.60 -5.86 -1.83
CMB CLA B . -3.21 -8.61 -2.72
CAB CLA B . -6.22 -7.98 -3.28
CAB CLA B . -6.39 -7.79 -3.25
CBB CLA B . -7.15 -7.48 -4.05
CBB CLA B . -6.23 -9.00 -3.70
NC CLA B . -6.39 -3.33 -0.37
C1C CLA B . -7.28 -4.09 -1.03
C2C CLA B . -8.61 -3.61 -0.91
C3C CLA B . -8.54 -2.50 -0.11
C4C CLA B . -7.17 -2.37 0.21
CMC CLA B . -9.84 -4.22 -1.55
CAC CLA B . -9.73 -1.66 0.33
CBC CLA B . -10.09 -0.61 -0.71
ND CLA B . -4.34 -2.05 1.01
C1D CLA B . -5.26 -1.12 1.42
C2D CLA B . -4.73 -0.09 2.23
C3D CLA B . -3.38 -0.46 2.30
C4D CLA B . -3.20 -1.61 1.56
CMD CLA B . -5.42 1.12 2.84
CAD CLA B . -2.10 -0.09 2.85
OBD CLA B . -1.78 0.97 3.44
CBD CLA B . -1.09 -1.17 2.50
CGD CLA B . 0.23 -0.72 2.00
O1D CLA B . 0.66 -0.82 0.89
O2D CLA B . 0.96 -0.15 3.04
CED CLA B . 2.24 0.39 2.69
C1 CLA B . 4.22 -3.37 1.12
C2 CLA B . 3.40 -2.53 0.16
C3 CLA B . 3.47 -2.67 -1.17
C4 CLA B . 4.36 -3.71 -1.85
C5 CLA B . 2.57 -1.82 -2.05
C6 CLA B . 3.33 -0.67 -2.73
C7 CLA B . 3.83 0.39 -1.73
C8 CLA B . 4.62 1.56 -2.37
C9 CLA B . 3.69 2.44 -3.21
C10 CLA B . 5.82 1.07 -3.21
C11 CLA B . 6.77 0.13 -2.46
C12 CLA B . 7.61 0.86 -1.39
C13 CLA B . 8.48 -0.07 -0.49
C14 CLA B . 9.48 -0.81 -1.37
C15 CLA B . 7.70 -1.10 0.35
C16 CLA B . 6.65 -0.53 1.32
C17 CLA B . 7.20 0.44 2.37
C18 CLA B . 6.13 1.07 3.26
C19 CLA B . 6.62 1.69 4.56
C20 CLA B . 5.31 2.10 2.46
C1 PID C . 14.21 -2.10 2.99
C2 PID C . 15.47 -1.24 3.23
C2 PID C . 15.42 -1.23 3.33
C3 PID C . 15.60 0.05 2.39
C3 PID C . 14.99 0.23 3.28
C4 PID C . 14.28 0.73 2.11
C4 PID C . 14.50 0.59 1.88
C5 PID C . 13.25 -0.15 1.38
C6 PID C . 13.17 -1.59 1.95
C7 PID C . 12.35 -2.62 1.16
C8 PID C . 11.25 -3.17 1.76
C9 PID C . 10.32 -4.06 1.02
C10 PID C . 10.31 -4.54 -0.36
C11 PID C . 9.10 -4.42 1.56
C12 PID C . 8.48 -5.16 0.53
C13 PID C . 7.16 -5.77 0.70
C14 PID C . 6.36 -6.55 -0.28
C15 PID C . 5.08 -6.82 0.11
C16 PID C . 4.09 -7.59 -0.66
C17 PID C . 2.83 -7.78 -0.18
C18 PID C . 1.97 -8.66 -0.98
C19 PID C . 0.77 -9.10 -0.53
C20 PID C . 0.01 -10.10 -1.33
C21 PID C . -1.12 -10.77 -0.98
C22 PID C . -1.60 -11.83 -1.91
C23 PID C . -2.50 -12.76 -1.58
C24 PID C . -3.33 -13.72 -1.39
C25 PID C . -4.80 -13.66 -1.85
C26 PID C . -5.73 -14.29 -0.81
C27 PID C . -5.23 -15.66 -0.36
C28 PID C . -3.84 -15.57 0.25
C29 PID C . -2.84 -15.02 -0.74
C30 PID C . -6.34 -17.36 0.91
C31 PID C . -7.32 -17.63 2.02
CM1 PID C . 14.48 -3.60 3.15
CM2 PID C . 13.40 -0.15 -0.13
CM3 PID C . 11.93 0.53 1.69
CM4 PID C . 6.88 -6.93 -1.64
CM5 PID C . -1.89 -10.52 0.32
CM6 PID C . -5.21 -12.19 -2.11
CM7 PID C . -4.94 -14.40 -3.21
CM8 PID C . -1.50 -14.83 0.00
O1 PID C . 12.94 -1.61 3.37
O2 PID C . 16.26 -0.19 1.13
O2 PID C . 16.13 1.03 3.59
O3 PID C . 11.27 -4.42 -1.17
O4 PID C . 9.19 -5.28 -0.64
O5 PID C . -2.64 -16.07 -1.73
O6 PID C . -6.17 -16.00 0.68
O7 PID C . -5.76 -18.17 0.25
C1 PID D . 10.90 -16.70 6.93
C2 PID D . 12.26 -17.31 7.37
C3 PID D . 12.60 -16.86 8.77
C4 PID D . 12.87 -15.36 8.71
C5 PID D . 11.72 -14.50 8.19
C6 PID D . 10.59 -15.27 7.44
C7 PID D . 9.72 -14.35 6.59
C8 PID D . 8.39 -14.41 6.82
C9 PID D . 7.54 -13.45 6.08
C10 PID D . 7.96 -12.37 5.18
C11 PID D . 6.17 -13.37 6.25
C12 PID D . 5.83 -12.26 5.44
C13 PID D . 4.46 -11.81 5.27
C14 PID D . 4.03 -10.65 4.43
C15 PID D . 2.70 -10.40 4.53
C16 PID D . 1.94 -9.39 3.80
C17 PID D . 0.64 -9.31 4.09
C18 PID D . -0.24 -8.42 3.35
C19 PID D . -1.56 -8.42 3.63
C20 PID D . -2.49 -7.59 2.84
C21 PID D . -3.86 -7.62 3.01
C22 PID D . -4.69 -6.77 2.12
C23 PID D . -5.95 -7.02 1.99
C24 PID D . -7.20 -7.35 1.81
C25 PID D . -8.35 -6.70 2.61
C26 PID D . -9.23 -7.83 3.22
C27 PID D . -9.65 -8.87 2.17
C28 PID D . -8.45 -9.50 1.49
C29 PID D . -7.55 -8.44 0.83
C30 PID D . -11.63 -9.86 3.06
C31 PID D . -12.24 -11.10 3.65
CM1 PID D . 10.49 -16.98 5.47
CM2 PID D . 12.32 -13.49 7.22
CM3 PID D . 11.15 -13.71 9.37
CM4 PID D . 5.03 -9.81 3.60
CM5 PID D . -4.58 -8.50 4.03
CM6 PID D . -7.78 -5.89 3.76
CM7 PID D . -9.21 -5.79 1.71
CM8 PID D . -6.32 -9.13 0.26
O1 PID D . 9.95 -16.43 7.97
O2 PID D . 13.78 -17.54 9.24
O3 PID D . 9.12 -12.05 4.74
O4 PID D . 6.89 -11.64 4.76
O5 PID D . -8.30 -7.90 -0.28
O6 PID D . -10.28 -9.98 2.84
O7 PID D . -12.23 -8.83 2.91
C1 PID E . 9.10 7.58 9.62
C2 PID E . 10.47 8.23 9.75
C3 PID E . 10.42 9.67 9.26
C4 PID E . 9.96 9.82 7.84
C5 PID E . 8.68 9.07 7.44
C6 PID E . 8.22 7.96 8.41
C7 PID E . 7.27 6.90 7.82
C8 PID E . 6.02 6.86 8.27
C9 PID E . 5.04 5.93 7.67
C10 PID E . 5.21 5.00 6.55
C11 PID E . 3.71 5.89 8.02
C12 PID E . 3.15 4.96 7.16
C13 PID E . 1.76 4.57 7.22
C14 PID E . 1.05 3.54 6.44
C15 PID E . -0.23 3.32 6.81
C16 PID E . -1.18 2.34 6.29
C17 PID E . -2.46 2.28 6.77
C18 PID E . -3.36 1.22 6.29
C19 PID E . -4.61 1.13 6.79
C20 PID E . -5.43 -0.03 6.41
C21 PID E . -6.77 -0.16 6.60
C22 PID E . -7.42 -1.41 6.19
C23 PID E . -8.71 -1.61 6.14
C24 PID E . -9.99 -1.84 6.06
C25 PID E . -10.72 -1.39 4.78
C26 PID E . -12.03 -0.65 5.18
C27 PID E . -12.89 -1.42 6.18
C27 PID E . -12.90 -1.45 6.21
C28 PID E . -12.11 -1.80 7.44
C29 PID E . -10.81 -2.55 7.15
C30 PID E . -15.17 -0.87 6.60
C30 PID E . -15.13 -0.58 6.03
C31 PID E . -16.16 0.23 6.91
C31 PID E . -16.03 0.57 6.42
CM1 PID E . 9.06 6.16 10.20
CM2 PID E . 8.85 8.47 6.06
CM3 PID E . 7.54 10.09 7.38
CM4 PID E . 1.72 2.73 5.35
CM5 PID E . -7.62 0.91 7.22
CM6 PID E . -9.86 -0.44 3.92
CM7 PID E . -11.03 -2.62 3.91
CM8 PID E . -10.08 -2.63 8.48
O1 PID E . 7.94 8.40 9.75
O2 PID E . 11.79 10.15 9.29
O3 PID E . 6.25 4.75 5.90
O4 PID E . 4.02 4.41 6.24
O5 PID E . -11.14 -3.87 6.71
O6 PID E . -13.84 -0.38 6.44
O6 PID E . -13.95 -0.68 6.82
O7 PID E . -15.42 -2.06 6.51
O7 PID E . -15.36 -1.38 5.13
C1 PID F . 2.90 9.07 6.20
C2 PID F . 3.59 10.18 7.00
C3 PID F . 2.56 11.01 7.74
C4 PID F . 1.59 11.63 6.75
C5 PID F . 0.69 10.57 6.10
C6 PID F . 1.44 9.28 5.73
C7 PID F . 1.04 8.58 4.43
C8 PID F . 0.62 7.29 4.50
C9 PID F . 0.27 6.56 3.24
C10 PID F . 0.16 7.08 1.87
C11 PID F . -0.02 5.20 3.18
C12 PID F . -0.21 4.98 1.82
C13 PID F . -0.52 3.65 1.27
C14 PID F . -0.74 3.34 -0.15
C15 PID F . -0.70 2.01 -0.43
C16 PID F . -0.83 1.43 -1.76
C17 PID F . -0.82 0.08 -1.93
C18 PID F . -1.03 -0.46 -3.26
C19 PID F . -1.16 -1.79 -3.47
C20 PID F . -1.49 -2.27 -4.82
C21 PID F . -1.81 -3.54 -5.18
C22 PID F . -2.20 -3.77 -6.60
C23 PID F . -2.51 -4.94 -7.04
C24 PID F . -2.78 -6.14 -7.44
C25 PID F . -4.18 -6.72 -7.33
C26 PID F . -4.09 -8.09 -6.58
C27 PID F . -3.04 -9.02 -7.18
C28 PID F . -1.67 -8.35 -7.12
C29 PID F . -1.65 -7.05 -7.94
C30 PID F . -2.79 -11.43 -6.94
C31 PID F . -2.70 -12.54 -5.95
CM1 PID F . 3.80 8.20 5.35
CM2 PID F . 0.04 11.18 4.86
CM3 PID F . -0.48 10.17 7.03
CM4 PID F . -0.82 4.44 -1.20
CM5 PID F . -1.76 -4.72 -4.21
CM6 PID F . -5.09 -5.78 -6.51
CM7 PID F . -4.80 -6.89 -8.73
CM8 PID F . -0.25 -6.39 -7.82
O1 PID F . 1.78 8.37 6.81
O2 PID F . 3.28 12.09 8.39
O3 PID F . 0.35 8.29 1.51
O4 PID F . -0.17 6.09 1.01
O5 PID F . -1.88 -7.38 -9.32
O6 PID F . -3.02 -10.20 -6.35
O7 PID F . -2.65 -11.47 -8.14
C1A J7Z G . 8.26 -2.30 4.94
O1A J7Z G . 8.96 -3.09 4.34
C1B J7Z G . 9.36 0.39 8.25
O1B J7Z G . 8.68 1.26 7.73
C1D J7Z G . 12.49 2.78 6.53
C1E J7Z G . 16.30 6.05 3.48
C1G J7Z G . 10.20 -0.83 5.22
O1G J7Z G . 8.81 -1.10 5.40
C2A J7Z G . 6.80 -2.43 5.20
C2B J7Z G . 9.24 -0.07 9.69
C2B J7Z G . 9.01 -0.18 9.60
C2D J7Z G . 12.33 3.70 7.73
O2D J7Z G . 10.94 3.69 8.14
C2E J7Z G . 15.95 7.43 2.94
O2E J7Z G . 15.20 8.19 3.89
C2G J7Z G . 10.56 0.28 6.18
O2G J7Z G . 10.39 -0.24 7.49
C3A J7Z G . 6.18 -3.72 4.69
C3B J7Z G . 7.79 -0.41 9.91
C3B J7Z G . 8.73 -1.67 9.42
C3D J7Z G . 12.71 5.14 7.37
O3D J7Z G . 12.76 5.96 8.56
C3E J7Z G . 15.10 7.32 1.69
O3E J7Z G . 15.31 8.52 0.92
C3G J7Z G . 12.04 0.54 6.00
O3G J7Z G . 12.42 1.47 7.02
C4A J7Z G . 6.52 -4.89 5.59
C4B J7Z G . 7.21 -1.35 9.16
C4B J7Z G . 7.53 -2.28 9.25
C4D J7Z G . 14.03 5.18 6.60
O4D J7Z G . 15.10 4.92 7.55
C4E J7Z G . 15.33 6.05 0.88
O4E J7Z G . 15.53 6.50 -0.47
C5A J7Z G . 5.77 -6.14 5.14
C5B J7Z G . 5.75 -1.56 9.43
C5B J7Z G . 6.13 -1.67 9.21
C5D J7Z G . 13.99 4.18 5.43
O5D J7Z G . 15.10 5.33 3.75
C5E J7Z G . 16.49 5.10 1.25
O5E J7Z G . 16.38 2.98 -0.07
C6A J7Z G . 4.67 -6.68 5.73
C6B J7Z G . 5.16 -2.66 8.60
C6D J7Z G . 15.24 4.14 4.55
O6D J7Z G . 13.79 2.87 5.95
C6E J7Z G . 16.16 3.59 1.23
O6E J7Z G . 17.10 5.38 2.51
C7A J7Z G . 3.96 -6.26 7.00
C7B J7Z G . 4.20 -2.41 7.69
C8A J7Z G . 2.59 -5.77 6.55
C8B J7Z G . 3.69 -1.06 7.13
C9A J7Z G . 1.40 -6.44 6.65
C9B J7Z G . 2.56 -0.54 8.01
CAA J7Z G . 1.20 -7.75 7.33
CAB J7Z G . 1.25 -0.55 7.69
CBA J7Z G . 0.39 -7.49 8.59
CBB J7Z G . 0.57 -1.04 6.44
CCA J7Z G . -0.91 -7.79 8.72
CCB J7Z G . -0.86 -1.24 6.84
CDA J7Z G . -1.82 -8.39 7.65
CDB J7Z G . -1.48 -2.42 6.87
CEA J7Z G . -3.23 -7.94 8.02
CEB J7Z G . -0.78 -3.68 6.46
CFA J7Z G . -4.25 -8.81 8.23
CFB J7Z G . -1.81 -4.79 6.47
CGA J7Z G . -4.15 -10.32 8.11
CGB J7Z G . -2.79 -4.95 5.58
CHA J7Z G . -5.34 -10.88 7.38
CHB J7Z G . -3.13 -4.05 4.41
CIA J7Z G . -6.33 -11.59 7.92
CIB J7Z G . -4.55 -3.56 4.43
CJA J7Z G . -6.42 -11.87 9.40
CKA J7Z G . -7.11 -13.19 9.59
CD CD H . -0.75 18.60 -10.77
CD CD H . -1.06 20.12 -9.95
CD CD I . -3.82 16.85 -13.39
CD CD J . -2.63 7.39 18.44
CD CD K . 13.34 -13.05 14.40
CD CD L . 14.26 -16.01 16.29
CL CL M . 0.54 20.60 -10.11
CL CL N . 11.89 -14.83 15.55
CL CL O . 15.46 -14.52 14.66
CL CL P . -5.41 15.74 -14.98
#